data_6WI4
#
_entry.id   6WI4
#
_cell.length_a   74.416
_cell.length_b   86.848
_cell.length_c   93.666
_cell.angle_alpha   90.000
_cell.angle_beta   90.000
_cell.angle_gamma   90.000
#
_symmetry.space_group_name_H-M   'P 21 21 21'
#
loop_
_entity.id
_entity.type
_entity.pdbx_description
1 polymer Caspase-3
2 polymer Caspase-3
3 polymer 'ACE-DEVD inhibitor'
4 water water
#
loop_
_entity_poly.entity_id
_entity_poly.type
_entity_poly.pdbx_seq_one_letter_code
_entity_poly.pdbx_strand_id
1 'polypeptide(L)'
;DTIYKMNKSTRGIAVIINNKDFLRSSGMDRYPRNGTDVDRDALAKLFRALKFDVRIYNNQTRAEIRRITKEMAITNHTPY
DAFIFSILTHGEEGVIYGTDGTMAIKDLTAIFKDCTTLVGKPKMFFFQACQGHEYMDGVSVPAEADFVYAYSTVPGYYSW
RNSVNGSWFIQSLTKVFEENAERMDILRMLTRVNAMVSTYKSRTGDYYSDSKRQVSSVVSMLRKELYFFPENV
;
A,B
2 'polypeptide(L)' KLFSFGG C
3 'polypeptide(L)' (ACE)DEVD D,E
#
loop_
_chem_comp.id
_chem_comp.type
_chem_comp.name
_chem_comp.formula
ACE non-polymer 'ACETYL GROUP' 'C2 H4 O'
#
# COMPACT_ATOMS: atom_id res chain seq x y z
N ASP A 1 -18.85 -7.10 10.33
CA ASP A 1 -18.72 -5.77 10.89
C ASP A 1 -17.68 -4.98 10.09
N THR A 2 -17.55 -3.69 10.41
CA THR A 2 -16.63 -2.81 9.71
C THR A 2 -15.51 -2.31 10.61
N ILE A 3 -15.43 -2.76 11.87
CA ILE A 3 -14.38 -2.35 12.79
C ILE A 3 -13.80 -3.60 13.44
N TYR A 4 -12.46 -3.68 13.51
CA TYR A 4 -11.83 -4.83 14.16
C TYR A 4 -12.14 -4.85 15.65
N LYS A 5 -12.32 -6.05 16.19
CA LYS A 5 -12.43 -6.21 17.64
C LYS A 5 -11.13 -5.81 18.31
N MET A 6 -11.22 -4.90 19.29
CA MET A 6 -10.06 -4.46 20.06
C MET A 6 -10.56 -4.15 21.47
N ASN A 7 -10.67 -5.21 22.28
CA ASN A 7 -11.18 -5.02 23.64
C ASN A 7 -10.45 -5.81 24.72
N LYS A 8 -9.43 -6.60 24.41
CA LYS A 8 -8.74 -7.33 25.45
C LYS A 8 -7.86 -6.40 26.28
N SER A 9 -7.73 -6.71 27.59
CA SER A 9 -6.94 -5.87 28.49
C SER A 9 -5.51 -5.74 28.00
N THR A 10 -4.93 -6.84 27.55
CA THR A 10 -3.70 -6.84 26.77
C THR A 10 -4.07 -7.16 25.33
N ARG A 11 -3.88 -6.18 24.43
CA ARG A 11 -4.37 -6.32 23.05
C ARG A 11 -3.58 -7.36 22.27
N GLY A 12 -2.32 -7.55 22.62
CA GLY A 12 -1.46 -8.42 21.86
C GLY A 12 -0.02 -8.10 22.18
N ILE A 13 0.87 -8.76 21.47
CA ILE A 13 2.31 -8.55 21.62
C ILE A 13 2.74 -7.51 20.60
N ALA A 14 3.66 -6.64 21.01
CA ALA A 14 4.28 -5.66 20.11
C ALA A 14 5.78 -5.83 20.20
N VAL A 15 6.39 -6.24 19.10
CA VAL A 15 7.84 -6.43 19.02
C VAL A 15 8.50 -5.17 18.49
N ILE A 16 9.61 -4.77 19.12
CA ILE A 16 10.49 -3.72 18.60
C ILE A 16 11.88 -4.29 18.47
N ILE A 17 12.42 -4.28 17.26
CA ILE A 17 13.80 -4.67 17.00
C ILE A 17 14.55 -3.40 16.63
N ASN A 18 15.56 -3.05 17.42
CA ASN A 18 16.26 -1.78 17.33
C ASN A 18 17.72 -2.06 16.97
N ASN A 19 18.09 -1.88 15.70
CA ASN A 19 19.45 -2.17 15.26
C ASN A 19 20.23 -0.86 15.11
N LYS A 20 21.21 -0.66 15.98
CA LYS A 20 22.02 0.56 15.99
C LYS A 20 23.41 0.35 15.43
N ASP A 21 24.07 -0.75 15.80
CA ASP A 21 25.46 -1.01 15.44
C ASP A 21 25.54 -2.25 14.56
N PHE A 22 26.29 -2.15 13.48
CA PHE A 22 26.33 -3.19 12.46
C PHE A 22 27.72 -3.78 12.37
N LEU A 23 27.77 -5.08 12.06
CA LEU A 23 29.03 -5.81 11.99
C LEU A 23 29.69 -5.58 10.63
N ARG A 24 31.01 -5.82 10.61
CA ARG A 24 31.76 -5.69 9.36
C ARG A 24 31.15 -6.57 8.26
N SER A 25 30.63 -7.75 8.62
CA SER A 25 30.06 -8.63 7.61
C SER A 25 28.88 -8.00 6.89
N SER A 26 28.20 -7.03 7.50
CA SER A 26 27.03 -6.41 6.89
C SER A 26 27.38 -5.33 5.87
N GLY A 27 28.62 -4.83 5.88
CA GLY A 27 28.95 -3.68 5.09
C GLY A 27 28.50 -2.35 5.67
N MET A 28 27.76 -2.36 6.78
CA MET A 28 27.22 -1.14 7.37
C MET A 28 27.92 -0.74 8.66
N ASP A 29 29.10 -1.33 8.96
CA ASP A 29 29.73 -1.04 10.25
C ASP A 29 30.12 0.43 10.36
N ARG A 30 30.36 1.11 9.24
CA ARG A 30 30.72 2.52 9.28
C ARG A 30 29.52 3.45 9.36
N TYR A 31 28.31 2.91 9.40
CA TYR A 31 27.09 3.73 9.43
C TYR A 31 26.20 3.35 10.60
N PRO A 32 26.68 3.50 11.83
CA PRO A 32 25.80 3.26 12.99
C PRO A 32 24.62 4.23 12.93
N ARG A 33 23.49 3.80 13.52
CA ARG A 33 22.24 4.53 13.34
C ARG A 33 21.96 5.41 14.56
N ASN A 34 22.80 6.44 14.69
CA ASN A 34 22.71 7.37 15.82
CA ASN A 34 22.70 7.36 15.81
C ASN A 34 21.31 7.96 15.89
N GLY A 35 20.73 7.97 17.09
CA GLY A 35 19.39 8.46 17.28
C GLY A 35 18.33 7.38 17.32
N THR A 36 18.65 6.14 16.91
CA THR A 36 17.62 5.11 16.87
C THR A 36 17.06 4.79 18.26
N ASP A 37 17.86 4.96 19.32
CA ASP A 37 17.35 4.63 20.66
C ASP A 37 16.20 5.55 21.04
N VAL A 38 16.21 6.80 20.56
CA VAL A 38 15.09 7.70 20.78
C VAL A 38 13.82 7.13 20.16
N ASP A 39 13.94 6.59 18.94
CA ASP A 39 12.79 5.95 18.29
C ASP A 39 12.34 4.72 19.05
N ARG A 40 13.29 3.87 19.47
CA ARG A 40 12.93 2.68 20.23
C ARG A 40 12.14 3.03 21.47
N ASP A 41 12.63 4.02 22.23
CA ASP A 41 11.95 4.38 23.47
C ASP A 41 10.58 4.98 23.18
N ALA A 42 10.46 5.78 22.12
CA ALA A 42 9.16 6.36 21.78
C ALA A 42 8.16 5.28 21.37
N LEU A 43 8.58 4.31 20.56
CA LEU A 43 7.66 3.26 20.17
C LEU A 43 7.26 2.40 21.34
N ALA A 44 8.20 2.12 22.25
CA ALA A 44 7.86 1.30 23.41
C ALA A 44 6.82 2.00 24.27
N LYS A 45 6.98 3.30 24.47
CA LYS A 45 6.02 4.08 25.24
C LYS A 45 4.65 4.08 24.56
N LEU A 46 4.65 4.27 23.23
CA LEU A 46 3.40 4.29 22.48
C LEU A 46 2.69 2.94 22.51
N PHE A 47 3.42 1.87 22.21
CA PHE A 47 2.77 0.57 22.14
C PHE A 47 2.26 0.11 23.51
N ARG A 48 2.96 0.47 24.60
CA ARG A 48 2.42 0.22 25.93
C ARG A 48 1.12 0.99 26.15
N ALA A 49 1.09 2.26 25.73
CA ALA A 49 -0.11 3.07 25.89
C ALA A 49 -1.28 2.56 25.06
N LEU A 50 -0.99 1.88 23.95
CA LEU A 50 -2.04 1.24 23.17
C LEU A 50 -2.45 -0.12 23.72
N LYS A 51 -1.87 -0.52 24.86
CA LYS A 51 -2.23 -1.69 25.66
C LYS A 51 -1.66 -2.97 25.07
N PHE A 52 -0.46 -2.89 24.48
CA PHE A 52 0.26 -4.07 24.03
C PHE A 52 1.33 -4.47 25.03
N ASP A 53 1.68 -5.76 24.97
CA ASP A 53 2.79 -6.35 25.72
C ASP A 53 4.05 -6.19 24.87
N VAL A 54 4.92 -5.26 25.25
CA VAL A 54 6.02 -4.81 24.40
C VAL A 54 7.26 -5.65 24.67
N ARG A 55 7.87 -6.16 23.59
CA ARG A 55 9.09 -6.95 23.67
C ARG A 55 10.16 -6.24 22.85
N ILE A 56 11.29 -5.92 23.48
CA ILE A 56 12.30 -5.06 22.89
C ILE A 56 13.60 -5.85 22.74
N TYR A 57 14.19 -5.79 21.54
CA TYR A 57 15.46 -6.40 21.23
C TYR A 57 16.38 -5.39 20.56
N ASN A 58 17.66 -5.42 20.91
CA ASN A 58 18.64 -4.51 20.33
C ASN A 58 19.74 -5.28 19.59
N ASN A 59 20.15 -4.74 18.44
CA ASN A 59 21.31 -5.25 17.68
C ASN A 59 21.21 -6.76 17.43
N GLN A 60 20.20 -7.15 16.66
CA GLN A 60 19.92 -8.55 16.35
C GLN A 60 20.46 -8.93 14.98
N THR A 61 21.07 -10.11 14.91
CA THR A 61 21.47 -10.68 13.63
C THR A 61 20.25 -11.14 12.83
N ARG A 62 20.49 -11.50 11.56
CA ARG A 62 19.40 -12.07 10.77
C ARG A 62 18.85 -13.32 11.42
N ALA A 63 19.72 -14.19 11.93
CA ALA A 63 19.24 -15.43 12.54
C ALA A 63 18.42 -15.13 13.78
N GLU A 64 18.81 -14.12 14.54
CA GLU A 64 18.04 -13.75 15.73
C GLU A 64 16.71 -13.14 15.36
N ILE A 65 16.66 -12.32 14.30
CA ILE A 65 15.39 -11.77 13.83
C ILE A 65 14.46 -12.92 13.43
N ARG A 66 14.99 -13.89 12.69
CA ARG A 66 14.18 -15.03 12.29
C ARG A 66 13.70 -15.82 13.50
N ARG A 67 14.56 -15.97 14.51
CA ARG A 67 14.16 -16.66 15.74
C ARG A 67 13.00 -15.93 16.41
N ILE A 68 13.09 -14.60 16.51
CA ILE A 68 12.01 -13.84 17.13
C ILE A 68 10.71 -14.03 16.36
N THR A 69 10.77 -13.92 15.03
CA THR A 69 9.52 -14.05 14.28
C THR A 69 8.93 -15.44 14.39
N LYS A 70 9.79 -16.47 14.44
CA LYS A 70 9.28 -17.84 14.63
C LYS A 70 8.64 -18.00 16.00
N GLU A 71 9.27 -17.45 17.04
CA GLU A 71 8.66 -17.53 18.38
C GLU A 71 7.31 -16.81 18.43
N MET A 72 7.15 -15.72 17.66
CA MET A 72 5.85 -15.04 17.61
C MET A 72 4.84 -15.85 16.80
N ALA A 73 5.29 -16.50 15.73
CA ALA A 73 4.36 -17.28 14.89
C ALA A 73 3.82 -18.50 15.62
N ILE A 74 4.59 -19.06 16.55
CA ILE A 74 4.18 -20.23 17.32
C ILE A 74 3.46 -19.86 18.61
N THR A 75 3.41 -18.57 18.95
CA THR A 75 2.68 -18.10 20.10
C THR A 75 1.18 -18.35 19.91
N ASN A 76 0.51 -18.70 21.01
CA ASN A 76 -0.95 -18.78 21.02
C ASN A 76 -1.53 -17.39 21.14
N HIS A 77 -2.09 -16.88 20.04
CA HIS A 77 -2.64 -15.53 20.01
C HIS A 77 -4.15 -15.51 20.28
N THR A 78 -4.74 -16.64 20.66
CA THR A 78 -6.15 -16.65 21.03
C THR A 78 -6.52 -15.63 22.10
N PRO A 79 -5.70 -15.36 23.13
CA PRO A 79 -6.10 -14.33 24.10
C PRO A 79 -5.94 -12.90 23.60
N TYR A 80 -5.48 -12.71 22.37
CA TYR A 80 -5.15 -11.38 21.87
C TYR A 80 -6.07 -11.00 20.71
N ASP A 81 -6.12 -9.69 20.46
CA ASP A 81 -6.90 -9.14 19.36
C ASP A 81 -6.05 -8.71 18.16
N ALA A 82 -4.74 -8.56 18.33
CA ALA A 82 -3.91 -7.92 17.31
C ALA A 82 -2.46 -8.29 17.56
N PHE A 83 -1.60 -7.96 16.58
CA PHE A 83 -0.16 -8.20 16.70
C PHE A 83 0.57 -7.05 16.05
N ILE A 84 1.67 -6.60 16.68
CA ILE A 84 2.50 -5.52 16.15
C ILE A 84 3.94 -6.02 16.03
N PHE A 85 4.57 -5.74 14.89
CA PHE A 85 5.99 -5.97 14.67
C PHE A 85 6.61 -4.69 14.14
N SER A 86 7.71 -4.25 14.73
CA SER A 86 8.36 -3.04 14.25
C SER A 86 9.87 -3.25 14.23
N ILE A 87 10.53 -2.66 13.25
CA ILE A 87 11.98 -2.78 13.16
C ILE A 87 12.58 -1.47 12.71
N LEU A 88 13.69 -1.11 13.34
CA LEU A 88 14.43 0.12 13.11
C LEU A 88 15.83 -0.29 12.70
N THR A 89 16.19 -0.09 11.44
CA THR A 89 17.43 -0.67 10.93
C THR A 89 17.78 -0.04 9.59
N HIS A 90 18.88 -0.49 8.99
CA HIS A 90 19.18 -0.14 7.62
C HIS A 90 18.35 -1.00 6.66
N GLY A 91 18.22 -0.51 5.43
CA GLY A 91 17.53 -1.31 4.43
C GLY A 91 17.88 -0.90 3.03
N GLU A 92 17.38 -1.69 2.09
CA GLU A 92 17.36 -1.37 0.66
C GLU A 92 16.01 -1.80 0.14
N GLU A 93 15.79 -1.66 -1.17
CA GLU A 93 14.45 -1.98 -1.69
C GLU A 93 14.15 -3.46 -1.47
N GLY A 94 13.11 -3.73 -0.68
CA GLY A 94 12.67 -5.07 -0.40
C GLY A 94 13.39 -5.78 0.73
N VAL A 95 14.41 -5.16 1.34
CA VAL A 95 15.23 -5.86 2.33
C VAL A 95 15.44 -4.98 3.56
N ILE A 96 15.70 -5.65 4.69
CA ILE A 96 16.15 -4.98 5.90
C ILE A 96 17.44 -5.65 6.36
N TYR A 97 18.19 -4.95 7.19
CA TYR A 97 19.47 -5.45 7.69
C TYR A 97 19.32 -6.03 9.08
N GLY A 98 19.77 -7.27 9.26
CA GLY A 98 20.27 -7.69 10.55
C GLY A 98 21.63 -7.07 10.78
N THR A 99 22.20 -7.26 11.96
CA THR A 99 23.53 -6.70 12.19
C THR A 99 24.56 -7.30 11.26
N ASP A 100 24.30 -8.49 10.71
CA ASP A 100 25.29 -9.20 9.91
C ASP A 100 25.00 -9.18 8.41
N GLY A 101 23.87 -8.66 7.96
CA GLY A 101 23.56 -8.67 6.54
C GLY A 101 22.07 -8.52 6.29
N THR A 102 21.70 -8.72 5.03
CA THR A 102 20.36 -8.41 4.56
C THR A 102 19.46 -9.63 4.57
N MET A 103 18.17 -9.38 4.73
CA MET A 103 17.15 -10.40 4.55
C MET A 103 15.93 -9.75 3.91
N ALA A 104 15.16 -10.56 3.18
CA ALA A 104 13.98 -10.04 2.50
C ALA A 104 12.86 -9.78 3.50
N ILE A 105 12.18 -8.64 3.32
CA ILE A 105 11.04 -8.31 4.18
C ILE A 105 9.93 -9.34 4.01
N LYS A 106 9.77 -9.90 2.81
CA LYS A 106 8.79 -10.97 2.61
C LYS A 106 9.01 -12.13 3.56
N ASP A 107 10.27 -12.43 3.91
CA ASP A 107 10.54 -13.49 4.89
C ASP A 107 9.88 -13.18 6.22
N LEU A 108 10.07 -11.96 6.73
CA LEU A 108 9.50 -11.56 8.01
C LEU A 108 8.02 -11.83 8.06
N THR A 109 7.31 -11.39 7.03
CA THR A 109 5.85 -11.32 7.08
C THR A 109 5.19 -12.62 6.68
N ALA A 110 5.85 -13.41 5.82
CA ALA A 110 5.25 -14.65 5.33
C ALA A 110 4.91 -15.59 6.48
N ILE A 111 5.79 -15.71 7.47
CA ILE A 111 5.61 -16.66 8.55
C ILE A 111 4.35 -16.41 9.37
N PHE A 112 3.67 -15.27 9.17
CA PHE A 112 2.46 -14.96 9.92
CA PHE A 112 2.46 -14.96 9.92
C PHE A 112 1.18 -15.16 9.11
N LYS A 113 1.29 -15.41 7.80
CA LYS A 113 0.07 -15.63 7.02
C LYS A 113 -0.60 -16.96 7.38
N ASP A 114 0.13 -17.88 8.00
CA ASP A 114 -0.38 -19.19 8.37
C ASP A 114 -0.36 -19.40 9.89
N CYS A 115 -0.40 -18.30 10.66
CA CYS A 115 -0.46 -18.40 12.11
C CYS A 115 -1.95 -18.39 12.47
N THR A 116 -2.47 -19.57 12.83
CA THR A 116 -3.92 -19.77 12.83
C THR A 116 -4.61 -18.86 13.84
N THR A 117 -3.96 -18.59 14.98
CA THR A 117 -4.61 -17.81 16.02
C THR A 117 -4.56 -16.30 15.76
N LEU A 118 -3.98 -15.87 14.63
CA LEU A 118 -4.09 -14.48 14.21
C LEU A 118 -4.99 -14.31 13.00
N VAL A 119 -5.61 -15.37 12.50
CA VAL A 119 -6.51 -15.22 11.35
C VAL A 119 -7.66 -14.31 11.75
N GLY A 120 -7.98 -13.34 10.88
CA GLY A 120 -9.02 -12.38 11.13
C GLY A 120 -8.59 -11.20 11.99
N LYS A 121 -7.37 -11.20 12.50
CA LYS A 121 -6.91 -10.17 13.42
C LYS A 121 -5.86 -9.28 12.75
N PRO A 122 -5.85 -7.99 13.09
CA PRO A 122 -4.89 -7.08 12.47
C PRO A 122 -3.45 -7.43 12.81
N LYS A 123 -2.61 -7.47 11.78
CA LYS A 123 -1.18 -7.74 11.90
C LYS A 123 -0.47 -6.51 11.35
N MET A 124 0.09 -5.71 12.24
CA MET A 124 0.65 -4.41 11.89
C MET A 124 2.17 -4.50 11.87
N PHE A 125 2.77 -4.03 10.78
CA PHE A 125 4.22 -3.97 10.64
C PHE A 125 4.64 -2.53 10.43
N PHE A 126 5.61 -2.06 11.20
CA PHE A 126 6.15 -0.72 11.09
C PHE A 126 7.63 -0.80 10.75
N PHE A 127 8.06 -0.05 9.74
CA PHE A 127 9.45 -0.10 9.27
C PHE A 127 10.04 1.29 9.28
N GLN A 128 11.17 1.47 9.99
CA GLN A 128 12.03 2.63 9.80
C GLN A 128 13.34 2.09 9.24
N ALA A 129 13.55 2.28 7.94
CA ALA A 129 14.69 1.74 7.22
C ALA A 129 14.69 2.33 5.82
N CYS A 130 15.87 2.41 5.22
CA CYS A 130 15.90 2.84 3.84
C CYS A 130 15.26 1.80 2.95
N GLN A 131 14.71 2.26 1.82
CA GLN A 131 14.07 1.39 0.84
C GLN A 131 14.77 1.53 -0.52
N GLY A 132 16.02 1.94 -0.51
CA GLY A 132 16.72 2.31 -1.72
C GLY A 132 17.78 3.34 -1.40
N HIS A 133 18.33 3.94 -2.46
CA HIS A 133 19.44 4.87 -2.26
C HIS A 133 19.28 6.13 -3.10
N GLU A 134 18.05 6.56 -3.38
CA GLU A 134 17.77 7.83 -4.02
C GLU A 134 17.26 8.85 -3.00
N TYR A 135 17.63 10.11 -3.20
CA TYR A 135 17.05 11.24 -2.51
C TYR A 135 15.78 11.71 -3.21
N MET A 136 14.90 12.38 -2.44
CA MET A 136 13.70 13.01 -2.95
CA MET A 136 13.69 13.01 -2.94
C MET A 136 13.90 14.52 -2.99
N ASP A 137 13.54 15.14 -4.12
CA ASP A 137 13.88 16.55 -4.31
C ASP A 137 12.74 17.49 -3.90
N GLY A 138 13.13 18.75 -3.68
CA GLY A 138 12.17 19.80 -3.36
C GLY A 138 12.39 20.43 -2.00
N VAL A 139 -15.88 -18.97 3.50
CA VAL A 139 -16.16 -17.87 4.41
C VAL A 139 -15.02 -17.71 5.42
N SER A 140 -13.98 -18.53 5.28
CA SER A 140 -12.76 -18.27 6.03
C SER A 140 -12.10 -16.99 5.54
N VAL A 141 -11.32 -16.36 6.41
CA VAL A 141 -10.57 -15.16 6.03
C VAL A 141 -9.27 -15.58 5.35
N PRO A 142 -8.95 -15.04 4.18
CA PRO A 142 -7.74 -15.48 3.46
C PRO A 142 -6.47 -15.12 4.22
N ALA A 143 -5.41 -15.84 3.88
CA ALA A 143 -4.17 -15.81 4.66
C ALA A 143 -3.54 -14.43 4.65
N GLU A 144 -3.51 -13.76 3.50
CA GLU A 144 -2.85 -12.47 3.37
C GLU A 144 -3.71 -11.30 3.85
N ALA A 145 -4.94 -11.54 4.30
CA ALA A 145 -5.76 -10.43 4.75
C ALA A 145 -5.35 -9.93 6.13
N ASP A 146 -5.72 -8.67 6.40
CA ASP A 146 -5.64 -8.03 7.72
C ASP A 146 -4.20 -7.67 8.11
N PHE A 147 -3.28 -7.67 7.16
CA PHE A 147 -1.98 -7.06 7.33
C PHE A 147 -2.03 -5.58 6.96
N VAL A 148 -1.24 -4.77 7.66
CA VAL A 148 -0.98 -3.40 7.25
C VAL A 148 0.51 -3.13 7.47
N TYR A 149 1.16 -2.57 6.47
CA TYR A 149 2.61 -2.37 6.49
C TYR A 149 2.85 -0.88 6.38
N ALA A 150 3.32 -0.28 7.47
CA ALA A 150 3.54 1.16 7.54
C ALA A 150 5.02 1.42 7.31
N TYR A 151 5.35 1.93 6.13
CA TYR A 151 6.73 2.16 5.71
C TYR A 151 7.13 3.62 5.90
N SER A 152 8.37 3.85 6.34
CA SER A 152 8.83 5.21 6.58
C SER A 152 9.00 6.02 5.29
N THR A 153 9.26 5.38 4.16
CA THR A 153 9.57 6.11 2.93
C THR A 153 8.88 5.40 1.75
N VAL A 154 9.36 5.66 0.54
CA VAL A 154 8.77 5.17 -0.70
C VAL A 154 9.76 4.19 -1.33
N PRO A 155 9.31 3.11 -1.97
CA PRO A 155 10.26 2.18 -2.59
C PRO A 155 11.24 2.91 -3.50
N GLY A 156 12.52 2.60 -3.31
CA GLY A 156 13.60 3.16 -4.09
C GLY A 156 14.35 4.29 -3.40
N TYR A 157 13.91 4.72 -2.24
CA TYR A 157 14.41 5.96 -1.65
C TYR A 157 15.01 5.73 -0.27
N TYR A 158 15.95 6.61 0.08
CA TYR A 158 16.42 6.72 1.45
C TYR A 158 15.29 7.12 2.39
N SER A 159 15.52 6.87 3.68
CA SER A 159 14.69 7.33 4.78
C SER A 159 15.59 8.09 5.73
N TRP A 160 15.08 9.13 6.35
CA TRP A 160 15.89 10.05 7.14
C TRP A 160 15.72 9.88 8.64
N ARG A 161 16.83 9.96 9.35
CA ARG A 161 16.90 9.83 10.79
C ARG A 161 17.75 10.96 11.34
N ASN A 162 17.31 11.59 12.43
CA ASN A 162 18.11 12.61 13.09
C ASN A 162 18.81 12.04 14.31
N SER A 163 20.08 12.39 14.47
CA SER A 163 20.89 11.77 15.51
C SER A 163 20.44 12.16 16.92
N VAL A 164 19.81 13.32 17.06
CA VAL A 164 19.37 13.79 18.37
C VAL A 164 17.92 13.39 18.64
N ASN A 165 17.03 13.58 17.65
CA ASN A 165 15.60 13.49 17.86
C ASN A 165 14.98 12.20 17.33
N GLY A 166 15.73 11.37 16.63
CA GLY A 166 15.16 10.17 16.04
C GLY A 166 14.69 10.41 14.62
N SER A 167 14.00 9.41 14.07
CA SER A 167 13.64 9.48 12.66
C SER A 167 12.41 10.32 12.43
N TRP A 168 12.34 10.90 11.23
CA TRP A 168 11.18 11.69 10.84
C TRP A 168 9.90 10.88 10.96
N PHE A 169 9.93 9.65 10.45
CA PHE A 169 8.72 8.82 10.47
C PHE A 169 8.29 8.46 11.88
N ILE A 170 9.22 7.95 12.71
CA ILE A 170 8.80 7.50 14.03
C ILE A 170 8.44 8.69 14.92
N GLN A 171 9.18 9.81 14.81
CA GLN A 171 8.81 11.05 15.50
C GLN A 171 7.37 11.44 15.15
N SER A 172 7.04 11.39 13.86
CA SER A 172 5.73 11.81 13.41
C SER A 172 4.67 10.81 13.81
N LEU A 173 4.99 9.51 13.73
CA LEU A 173 4.03 8.48 14.11
C LEU A 173 3.65 8.61 15.58
N THR A 174 4.64 8.79 16.45
CA THR A 174 4.28 8.87 17.87
C THR A 174 3.49 10.15 18.17
N LYS A 175 3.83 11.26 17.51
CA LYS A 175 3.07 12.49 17.70
C LYS A 175 1.62 12.33 17.23
N VAL A 176 1.43 11.82 16.01
CA VAL A 176 0.07 11.69 15.50
C VAL A 176 -0.73 10.68 16.31
N PHE A 177 -0.13 9.54 16.65
CA PHE A 177 -0.88 8.51 17.37
C PHE A 177 -1.22 8.98 18.77
N GLU A 178 -0.30 9.70 19.44
CA GLU A 178 -0.62 10.24 20.75
C GLU A 178 -1.82 11.17 20.68
N GLU A 179 -1.85 12.03 19.64
CA GLU A 179 -2.91 13.02 19.54
C GLU A 179 -4.24 12.40 19.13
N ASN A 180 -4.21 11.28 18.41
CA ASN A 180 -5.41 10.84 17.69
C ASN A 180 -5.86 9.42 17.98
N ALA A 181 -5.05 8.57 18.63
CA ALA A 181 -5.38 7.15 18.69
C ALA A 181 -6.66 6.88 19.47
N GLU A 182 -7.09 7.80 20.34
CA GLU A 182 -8.34 7.57 21.05
C GLU A 182 -9.53 7.52 20.12
N ARG A 183 -9.47 8.22 18.98
CA ARG A 183 -10.65 8.40 18.15
C ARG A 183 -10.48 8.13 16.66
N MET A 184 -9.26 7.89 16.17
CA MET A 184 -8.98 7.88 14.74
C MET A 184 -8.42 6.54 14.30
N ASP A 185 -8.93 6.02 13.17
CA ASP A 185 -8.51 4.70 12.72
C ASP A 185 -7.10 4.78 12.13
N ILE A 186 -6.45 3.61 12.03
CA ILE A 186 -5.01 3.63 11.76
C ILE A 186 -4.68 4.20 10.38
N LEU A 187 -5.53 3.94 9.37
CA LEU A 187 -5.19 4.45 8.04
C LEU A 187 -5.29 5.96 8.01
N ARG A 188 -6.29 6.54 8.68
CA ARG A 188 -6.36 7.98 8.77
C ARG A 188 -5.16 8.55 9.53
N MET A 189 -4.74 7.87 10.60
CA MET A 189 -3.58 8.35 11.34
C MET A 189 -2.33 8.28 10.48
N LEU A 190 -2.15 7.19 9.73
CA LEU A 190 -0.98 7.09 8.89
C LEU A 190 -1.00 8.11 7.74
N THR A 191 -2.19 8.50 7.28
CA THR A 191 -2.29 9.60 6.33
C THR A 191 -1.77 10.90 6.95
N ARG A 192 -2.13 11.15 8.21
CA ARG A 192 -1.62 12.34 8.88
C ARG A 192 -0.12 12.24 9.12
N VAL A 193 0.39 11.03 9.37
CA VAL A 193 1.83 10.87 9.51
C VAL A 193 2.53 11.26 8.21
N ASN A 194 2.00 10.79 7.09
CA ASN A 194 2.59 11.16 5.81
C ASN A 194 2.53 12.66 5.55
N ALA A 195 1.40 13.29 5.90
CA ALA A 195 1.31 14.74 5.74
C ALA A 195 2.42 15.45 6.50
N MET A 196 2.75 14.95 7.68
CA MET A 196 3.81 15.54 8.50
C MET A 196 5.20 15.22 7.94
N VAL A 197 5.45 13.96 7.59
CA VAL A 197 6.75 13.59 7.01
C VAL A 197 7.03 14.40 5.76
N SER A 198 5.98 14.67 4.97
CA SER A 198 6.09 15.37 3.69
C SER A 198 6.43 16.85 3.84
N THR A 199 6.57 17.35 5.08
CA THR A 199 6.99 18.74 5.26
C THR A 199 8.47 18.87 5.65
N TYR A 200 9.12 17.79 6.06
CA TYR A 200 10.51 17.85 6.50
C TYR A 200 11.44 18.14 5.33
N LYS A 201 12.55 18.84 5.63
CA LYS A 201 13.65 19.00 4.69
C LYS A 201 14.94 18.65 5.42
N SER A 202 15.80 17.86 4.80
CA SER A 202 17.02 17.45 5.51
C SER A 202 17.92 18.67 5.72
N ARG A 203 18.64 18.63 6.83
CA ARG A 203 19.61 19.66 7.21
C ARG A 203 20.93 18.94 7.46
N THR A 204 21.79 18.92 6.44
CA THR A 204 23.09 18.26 6.54
C THR A 204 24.26 19.18 6.31
N GLY A 205 24.05 20.32 5.66
CA GLY A 205 25.14 21.18 5.24
C GLY A 205 25.95 20.64 4.08
N ASP A 206 25.58 19.50 3.52
CA ASP A 206 26.29 18.81 2.44
C ASP A 206 25.47 19.00 1.17
N TYR A 207 26.08 19.61 0.14
CA TYR A 207 25.25 19.98 -1.02
C TYR A 207 24.55 18.76 -1.63
N TYR A 208 25.21 17.59 -1.61
CA TYR A 208 24.60 16.43 -2.24
C TYR A 208 23.38 15.93 -1.47
N SER A 209 23.36 16.11 -0.15
CA SER A 209 22.30 15.50 0.68
C SER A 209 21.39 16.49 1.37
N ASP A 210 21.60 17.78 1.18
CA ASP A 210 20.89 18.81 1.93
C ASP A 210 19.55 19.16 1.28
N SER A 211 18.60 19.54 2.14
CA SER A 211 17.27 19.98 1.72
C SER A 211 16.52 18.92 0.93
N LYS A 212 16.70 17.65 1.27
CA LYS A 212 16.02 16.56 0.61
C LYS A 212 14.78 16.18 1.42
N ARG A 213 13.88 15.45 0.76
CA ARG A 213 12.50 15.31 1.22
C ARG A 213 12.16 13.84 1.50
N GLN A 214 10.95 13.62 2.00
CA GLN A 214 10.49 12.26 2.27
C GLN A 214 8.97 12.21 2.23
N VAL A 215 8.46 11.03 1.86
CA VAL A 215 7.04 10.70 1.82
C VAL A 215 6.93 9.30 2.40
N SER A 216 6.03 9.10 3.37
CA SER A 216 5.86 7.76 3.90
C SER A 216 4.73 7.06 3.15
N SER A 217 4.67 5.74 3.28
CA SER A 217 3.71 4.98 2.49
C SER A 217 3.13 3.86 3.34
N VAL A 218 1.85 3.56 3.12
CA VAL A 218 1.20 2.47 3.83
C VAL A 218 0.69 1.48 2.81
N VAL A 219 0.94 0.20 3.04
CA VAL A 219 0.42 -0.89 2.24
C VAL A 219 -0.63 -1.59 3.08
N SER A 220 -1.90 -1.54 2.67
CA SER A 220 -2.97 -2.04 3.51
C SER A 220 -3.68 -3.21 2.86
N MET A 221 -3.72 -4.34 3.56
CA MET A 221 -4.63 -5.43 3.27
C MET A 221 -5.73 -5.51 4.33
N LEU A 222 -6.00 -4.42 5.02
CA LEU A 222 -7.06 -4.42 6.02
C LEU A 222 -8.44 -4.52 5.37
N ARG A 223 -9.36 -5.18 6.08
CA ARG A 223 -10.74 -5.36 5.64
C ARG A 223 -11.73 -4.57 6.50
N LYS A 224 -11.27 -3.98 7.59
CA LYS A 224 -12.08 -3.18 8.49
C LYS A 224 -11.25 -1.97 8.92
N GLU A 225 -11.91 -1.00 9.53
CA GLU A 225 -11.20 0.08 10.20
C GLU A 225 -10.55 -0.46 11.47
N LEU A 226 -9.32 -0.01 11.74
CA LEU A 226 -8.60 -0.39 12.94
C LEU A 226 -8.61 0.82 13.88
N TYR A 227 -9.48 0.76 14.88
CA TYR A 227 -9.48 1.71 15.98
C TYR A 227 -8.84 1.05 17.19
N PHE A 228 -7.86 1.73 17.79
CA PHE A 228 -7.22 1.17 18.98
C PHE A 228 -8.14 1.23 20.20
N PHE A 229 -9.13 2.11 20.20
CA PHE A 229 -10.07 2.24 21.32
C PHE A 229 -11.47 2.40 20.75
N PRO A 230 -12.03 1.33 20.20
CA PRO A 230 -13.31 1.46 19.47
C PRO A 230 -14.46 1.87 20.37
N GLU A 231 -14.30 1.76 21.69
CA GLU A 231 -15.36 2.20 22.60
C GLU A 231 -15.62 3.70 22.51
N ASN A 232 -14.69 4.47 21.95
CA ASN A 232 -14.84 5.92 21.83
C ASN A 232 -15.55 6.34 20.55
N VAL A 233 -15.80 5.41 19.65
CA VAL A 233 -16.48 5.72 18.40
C VAL A 233 -17.72 4.85 18.26
N ASP B 1 -7.03 21.44 5.76
CA ASP B 1 -5.90 20.89 5.02
C ASP B 1 -5.83 19.38 5.19
N THR B 2 -6.96 18.77 5.53
CA THR B 2 -7.03 17.33 5.70
C THR B 2 -7.82 16.64 4.59
N ILE B 3 -8.40 17.38 3.64
CA ILE B 3 -9.18 16.82 2.54
C ILE B 3 -8.72 17.46 1.23
N TYR B 4 -8.52 16.63 0.20
CA TYR B 4 -8.11 17.18 -1.09
C TYR B 4 -9.21 18.03 -1.71
N LYS B 5 -8.80 19.08 -2.40
CA LYS B 5 -9.72 19.87 -3.21
C LYS B 5 -10.30 19.01 -4.33
N MET B 6 -11.63 18.92 -4.40
CA MET B 6 -12.30 18.20 -5.49
C MET B 6 -13.58 18.97 -5.81
N ASN B 7 -13.47 19.98 -6.68
CA ASN B 7 -14.64 20.79 -6.97
C ASN B 7 -14.75 21.28 -8.41
N LYS B 8 -13.82 20.94 -9.30
CA LYS B 8 -13.99 21.35 -10.69
C LYS B 8 -15.08 20.51 -11.37
N SER B 9 -15.85 21.16 -12.26
CA SER B 9 -16.92 20.48 -12.97
C SER B 9 -16.41 19.25 -13.73
N THR B 10 -15.22 19.35 -14.30
CA THR B 10 -14.48 18.18 -14.77
C THR B 10 -13.28 18.01 -13.84
N ARG B 11 -13.28 16.92 -13.06
CA ARG B 11 -12.28 16.76 -12.02
C ARG B 11 -10.90 16.48 -12.59
N GLY B 12 -10.84 15.92 -13.78
CA GLY B 12 -9.59 15.43 -14.31
C GLY B 12 -9.86 14.39 -15.39
N ILE B 13 -8.78 13.86 -15.91
CA ILE B 13 -8.83 12.82 -16.93
C ILE B 13 -8.77 11.48 -16.24
N ALA B 14 -9.56 10.51 -16.74
CA ALA B 14 -9.50 9.13 -16.27
C ALA B 14 -9.23 8.22 -17.45
N VAL B 15 -8.09 7.54 -17.44
CA VAL B 15 -7.69 6.62 -18.51
C VAL B 15 -8.08 5.20 -18.13
N ILE B 16 -8.65 4.46 -19.09
CA ILE B 16 -8.88 3.03 -18.96
C ILE B 16 -8.19 2.33 -20.13
N ILE B 17 -7.25 1.45 -19.82
CA ILE B 17 -6.61 0.60 -20.82
C ILE B 17 -7.11 -0.81 -20.60
N ASN B 18 -7.76 -1.38 -21.61
CA ASN B 18 -8.46 -2.65 -21.52
C ASN B 18 -7.82 -3.63 -22.50
N ASN B 19 -7.00 -4.55 -21.99
CA ASN B 19 -6.27 -5.49 -22.84
C ASN B 19 -6.91 -6.86 -22.74
N LYS B 20 -7.53 -7.30 -23.84
CA LYS B 20 -8.21 -8.59 -23.87
C LYS B 20 -7.43 -9.63 -24.66
N ASP B 21 -6.91 -9.25 -25.81
CA ASP B 21 -6.27 -10.17 -26.75
C ASP B 21 -4.79 -9.89 -26.84
N PHE B 22 -3.98 -10.93 -26.68
CA PHE B 22 -2.54 -10.78 -26.57
C PHE B 22 -1.84 -11.45 -27.75
N LEU B 23 -0.74 -10.85 -28.17
CA LEU B 23 -0.02 -11.33 -29.33
C LEU B 23 0.90 -12.48 -28.95
N ARG B 24 1.27 -13.28 -29.94
CA ARG B 24 2.13 -14.42 -29.68
C ARG B 24 3.45 -13.99 -29.04
N SER B 25 3.94 -12.79 -29.36
CA SER B 25 5.21 -12.33 -28.79
C SER B 25 5.12 -12.16 -27.28
N SER B 26 3.92 -11.94 -26.75
CA SER B 26 3.73 -11.75 -25.32
C SER B 26 3.74 -13.07 -24.55
N GLY B 27 3.57 -14.19 -25.23
CA GLY B 27 3.40 -15.47 -24.57
C GLY B 27 2.05 -15.67 -23.93
N MET B 28 1.12 -14.72 -24.11
CA MET B 28 -0.20 -14.80 -23.51
CA MET B 28 -0.20 -14.77 -23.51
C MET B 28 -1.31 -14.95 -24.54
N ASP B 29 -0.96 -15.24 -25.80
CA ASP B 29 -1.97 -15.34 -26.84
C ASP B 29 -3.02 -16.41 -26.53
N ARG B 30 -2.63 -17.47 -25.81
CA ARG B 30 -3.58 -18.52 -25.50
C ARG B 30 -4.41 -18.22 -24.25
N TYR B 31 -4.27 -17.03 -23.67
CA TYR B 31 -4.97 -16.68 -22.44
C TYR B 31 -5.72 -15.35 -22.60
N PRO B 32 -6.67 -15.29 -23.54
CA PRO B 32 -7.46 -14.06 -23.69
C PRO B 32 -8.23 -13.78 -22.41
N ARG B 33 -8.44 -12.51 -22.12
CA ARG B 33 -9.01 -12.13 -20.83
C ARG B 33 -10.52 -11.94 -20.96
N ASN B 34 -11.21 -13.05 -21.24
CA ASN B 34 -12.65 -13.03 -21.38
C ASN B 34 -13.30 -12.46 -20.13
N GLY B 35 -14.26 -11.55 -20.32
CA GLY B 35 -14.91 -10.85 -19.23
C GLY B 35 -14.36 -9.46 -18.97
N THR B 36 -13.23 -9.11 -19.56
CA THR B 36 -12.63 -7.81 -19.24
C THR B 36 -13.49 -6.65 -19.76
N ASP B 37 -14.27 -6.83 -20.84
CA ASP B 37 -15.12 -5.74 -21.30
C ASP B 37 -16.17 -5.34 -20.27
N VAL B 38 -16.63 -6.30 -19.45
CA VAL B 38 -17.57 -5.99 -18.37
C VAL B 38 -16.91 -5.04 -17.39
N ASP B 39 -15.63 -5.28 -17.09
CA ASP B 39 -14.87 -4.40 -16.20
C ASP B 39 -14.69 -3.01 -16.83
N ARG B 40 -14.28 -2.98 -18.11
CA ARG B 40 -14.07 -1.71 -18.80
C ARG B 40 -15.33 -0.87 -18.76
N ASP B 41 -16.48 -1.48 -19.08
CA ASP B 41 -17.72 -0.71 -19.14
C ASP B 41 -18.12 -0.20 -17.76
N ALA B 42 -17.91 -1.02 -16.72
CA ALA B 42 -18.27 -0.61 -15.37
C ALA B 42 -17.39 0.53 -14.88
N LEU B 43 -16.08 0.47 -15.17
CA LEU B 43 -15.19 1.56 -14.79
C LEU B 43 -15.55 2.85 -15.51
N ALA B 44 -15.89 2.74 -16.80
CA ALA B 44 -16.23 3.93 -17.57
C ALA B 44 -17.42 4.65 -16.97
N LYS B 45 -18.46 3.89 -16.60
CA LYS B 45 -19.63 4.51 -15.97
C LYS B 45 -19.27 5.13 -14.62
N LEU B 46 -18.45 4.43 -13.83
CA LEU B 46 -18.05 4.97 -12.53
C LEU B 46 -17.26 6.26 -12.68
N PHE B 47 -16.21 6.23 -13.52
CA PHE B 47 -15.35 7.40 -13.61
C PHE B 47 -16.09 8.61 -14.19
N ARG B 48 -17.02 8.38 -15.12
CA ARG B 48 -17.83 9.48 -15.62
C ARG B 48 -18.71 10.06 -14.51
N ALA B 49 -19.27 9.20 -13.67
CA ALA B 49 -20.13 9.66 -12.58
C ALA B 49 -19.35 10.39 -11.51
N LEU B 50 -18.06 10.05 -11.34
CA LEU B 50 -17.21 10.82 -10.44
C LEU B 50 -16.72 12.13 -11.06
N LYS B 51 -17.16 12.44 -12.29
CA LYS B 51 -17.00 13.72 -12.98
C LYS B 51 -15.64 13.84 -13.65
N PHE B 52 -15.11 12.72 -14.15
CA PHE B 52 -13.88 12.70 -14.90
C PHE B 52 -14.16 12.59 -16.41
N ASP B 53 -13.20 13.10 -17.18
CA ASP B 53 -13.18 12.95 -18.64
C ASP B 53 -12.53 11.61 -18.97
N VAL B 54 -13.34 10.64 -19.40
CA VAL B 54 -12.90 9.25 -19.51
C VAL B 54 -12.35 8.99 -20.91
N ARG B 55 -11.15 8.40 -20.98
CA ARG B 55 -10.48 8.03 -22.22
C ARG B 55 -10.24 6.53 -22.19
N ILE B 56 -10.72 5.82 -23.22
CA ILE B 56 -10.75 4.36 -23.21
C ILE B 56 -9.95 3.83 -24.40
N TYR B 57 -9.05 2.89 -24.13
CA TYR B 57 -8.24 2.24 -25.13
C TYR B 57 -8.32 0.74 -24.96
N ASN B 58 -8.35 0.01 -26.07
CA ASN B 58 -8.41 -1.45 -26.06
C ASN B 58 -7.22 -2.05 -26.78
N ASN B 59 -6.71 -3.16 -26.23
CA ASN B 59 -5.66 -3.97 -26.83
C ASN B 59 -4.47 -3.11 -27.27
N GLN B 60 -3.81 -2.51 -26.28
CA GLN B 60 -2.69 -1.60 -26.50
C GLN B 60 -1.36 -2.31 -26.31
N THR B 61 -0.42 -2.07 -27.24
CA THR B 61 0.95 -2.53 -27.06
C THR B 61 1.66 -1.72 -25.98
N ARG B 62 2.85 -2.19 -25.58
CA ARG B 62 3.66 -1.43 -24.64
C ARG B 62 3.97 -0.04 -25.19
N ALA B 63 4.30 0.06 -26.47
CA ALA B 63 4.61 1.35 -27.07
C ALA B 63 3.41 2.28 -27.03
N GLU B 64 2.21 1.74 -27.25
CA GLU B 64 1.00 2.55 -27.21
C GLU B 64 0.70 3.00 -25.78
N ILE B 65 0.89 2.10 -24.80
CA ILE B 65 0.71 2.48 -23.40
C ILE B 65 1.67 3.61 -23.03
N ARG B 66 2.93 3.48 -23.44
CA ARG B 66 3.91 4.53 -23.17
C ARG B 66 3.49 5.84 -23.83
N ARG B 67 2.94 5.78 -25.04
CA ARG B 67 2.49 6.99 -25.71
C ARG B 67 1.34 7.64 -24.93
N ILE B 68 0.38 6.85 -24.48
CA ILE B 68 -0.74 7.38 -23.71
C ILE B 68 -0.23 8.06 -22.43
N THR B 69 0.68 7.41 -21.72
CA THR B 69 1.18 8.02 -20.48
C THR B 69 1.93 9.31 -20.77
N LYS B 70 2.69 9.36 -21.87
CA LYS B 70 3.38 10.61 -22.20
C LYS B 70 2.40 11.72 -22.54
N GLU B 71 1.33 11.39 -23.27
CA GLU B 71 0.31 12.39 -23.58
C GLU B 71 -0.34 12.93 -22.31
N MET B 72 -0.56 12.06 -21.32
CA MET B 72 -1.13 12.52 -20.07
C MET B 72 -0.14 13.38 -19.30
N ALA B 73 1.14 13.01 -19.33
CA ALA B 73 2.14 13.76 -18.56
C ALA B 73 2.40 15.13 -19.15
N ILE B 74 2.23 15.30 -20.47
CA ILE B 74 2.44 16.61 -21.10
C ILE B 74 1.19 17.47 -21.08
N THR B 75 0.04 16.89 -20.71
CA THR B 75 -1.19 17.64 -20.51
C THR B 75 -1.02 18.68 -19.40
N ASN B 76 -1.58 19.87 -19.62
CA ASN B 76 -1.65 20.88 -18.57
C ASN B 76 -2.84 20.55 -17.66
N HIS B 77 -2.55 20.07 -16.45
CA HIS B 77 -3.59 19.69 -15.52
C HIS B 77 -4.01 20.81 -14.57
N THR B 78 -3.59 22.05 -14.85
CA THR B 78 -4.03 23.18 -14.04
C THR B 78 -5.55 23.28 -13.89
N PRO B 79 -6.38 23.04 -14.92
CA PRO B 79 -7.83 23.12 -14.71
C PRO B 79 -8.42 21.94 -13.94
N TYR B 80 -7.62 20.95 -13.56
CA TYR B 80 -8.13 19.73 -12.96
C TYR B 80 -7.70 19.61 -11.50
N ASP B 81 -8.41 18.77 -10.76
CA ASP B 81 -8.11 18.51 -9.35
C ASP B 81 -7.42 17.17 -9.11
N ALA B 82 -7.46 16.25 -10.06
CA ALA B 82 -7.01 14.87 -9.83
C ALA B 82 -6.76 14.21 -11.18
N PHE B 83 -6.16 13.01 -11.12
CA PHE B 83 -5.89 12.20 -12.30
C PHE B 83 -6.14 10.74 -11.96
N ILE B 84 -6.74 9.99 -12.89
CA ILE B 84 -6.99 8.57 -12.74
C ILE B 84 -6.38 7.80 -13.90
N PHE B 85 -5.68 6.71 -13.59
CA PHE B 85 -5.16 5.79 -14.58
C PHE B 85 -5.54 4.38 -14.17
N SER B 86 -6.16 3.63 -15.08
CA SER B 86 -6.51 2.25 -14.75
C SER B 86 -6.13 1.36 -15.90
N ILE B 87 -5.75 0.13 -15.58
CA ILE B 87 -5.38 -0.84 -16.62
C ILE B 87 -5.88 -2.21 -16.22
N LEU B 88 -6.41 -2.93 -17.21
CA LEU B 88 -6.98 -4.26 -17.07
C LEU B 88 -6.17 -5.15 -18.02
N THR B 89 -5.34 -6.03 -17.48
CA THR B 89 -4.41 -6.75 -18.34
C THR B 89 -3.80 -7.92 -17.57
N HIS B 90 -2.92 -8.67 -18.24
CA HIS B 90 -2.13 -9.68 -17.54
C HIS B 90 -0.99 -9.01 -16.78
N GLY B 91 -0.42 -9.74 -15.82
CA GLY B 91 0.70 -9.20 -15.09
C GLY B 91 1.52 -10.27 -14.41
N GLU B 92 2.67 -9.84 -13.89
CA GLU B 92 3.47 -10.62 -12.96
C GLU B 92 3.95 -9.64 -11.89
N GLU B 93 4.76 -10.12 -10.96
CA GLU B 93 5.15 -9.26 -9.85
C GLU B 93 5.93 -8.05 -10.37
N GLY B 94 5.36 -6.87 -10.20
CA GLY B 94 5.97 -5.63 -10.61
C GLY B 94 5.79 -5.24 -12.06
N VAL B 95 5.08 -6.04 -12.86
CA VAL B 95 4.95 -5.76 -14.29
C VAL B 95 3.50 -5.92 -14.74
N ILE B 96 3.21 -5.22 -15.81
CA ILE B 96 1.91 -5.40 -16.51
C ILE B 96 2.24 -5.71 -17.96
N TYR B 97 1.26 -6.27 -18.63
CA TYR B 97 1.46 -6.61 -20.03
C TYR B 97 0.74 -5.62 -20.94
N GLY B 98 1.54 -5.24 -21.93
CA GLY B 98 0.97 -4.73 -23.17
C GLY B 98 0.61 -5.94 -24.04
N THR B 99 -0.04 -5.73 -25.16
CA THR B 99 -0.42 -6.93 -25.95
C THR B 99 0.82 -7.67 -26.45
N ASP B 100 1.97 -7.01 -26.46
CA ASP B 100 3.17 -7.60 -27.03
C ASP B 100 4.23 -8.02 -26.00
N GLY B 101 4.05 -7.73 -24.73
CA GLY B 101 5.06 -8.07 -23.76
C GLY B 101 4.89 -7.27 -22.47
N THR B 102 5.88 -7.40 -21.59
CA THR B 102 5.82 -6.85 -20.25
C THR B 102 6.53 -5.50 -20.16
N MET B 103 6.04 -4.68 -19.22
CA MET B 103 6.72 -3.45 -18.83
C MET B 103 6.55 -3.25 -17.32
N ALA B 104 7.52 -2.57 -16.74
CA ALA B 104 7.51 -2.36 -15.29
C ALA B 104 6.46 -1.33 -14.90
N ILE B 105 5.72 -1.63 -13.83
CA ILE B 105 4.74 -0.67 -13.33
C ILE B 105 5.43 0.62 -12.89
N LYS B 106 6.67 0.51 -12.39
CA LYS B 106 7.44 1.70 -12.03
C LYS B 106 7.59 2.65 -13.21
N ASP B 107 7.63 2.13 -14.44
CA ASP B 107 7.68 2.99 -15.61
C ASP B 107 6.40 3.81 -15.75
N LEU B 108 5.25 3.14 -15.71
CA LEU B 108 3.96 3.80 -15.83
C LEU B 108 3.86 5.00 -14.90
N THR B 109 4.23 4.81 -13.64
CA THR B 109 3.93 5.79 -12.62
C THR B 109 5.01 6.85 -12.48
N ALA B 110 6.25 6.55 -12.87
CA ALA B 110 7.35 7.50 -12.71
C ALA B 110 7.14 8.75 -13.57
N ILE B 111 6.59 8.58 -14.77
CA ILE B 111 6.40 9.72 -15.66
C ILE B 111 5.50 10.80 -15.06
N PHE B 112 4.72 10.47 -14.02
CA PHE B 112 3.80 11.41 -13.42
C PHE B 112 4.32 12.10 -12.17
N LYS B 113 5.44 11.63 -11.59
CA LYS B 113 5.94 12.27 -10.37
C LYS B 113 6.51 13.65 -10.65
N ASP B 114 6.97 13.90 -11.88
CA ASP B 114 7.55 15.18 -12.25
C ASP B 114 6.61 16.02 -13.11
N CYS B 115 5.33 15.67 -13.15
CA CYS B 115 4.35 16.43 -13.93
C CYS B 115 3.88 17.58 -13.06
N THR B 116 4.35 18.80 -13.38
CA THR B 116 4.26 19.92 -12.46
C THR B 116 2.82 20.30 -12.13
N THR B 117 1.90 20.14 -13.08
CA THR B 117 0.53 20.60 -12.87
C THR B 117 -0.31 19.58 -12.10
N LEU B 118 0.28 18.46 -11.72
CA LEU B 118 -0.38 17.51 -10.82
C LEU B 118 0.22 17.50 -9.43
N VAL B 119 1.23 18.33 -9.16
CA VAL B 119 1.79 18.35 -7.80
C VAL B 119 0.71 18.80 -6.82
N GLY B 120 0.61 18.09 -5.70
CA GLY B 120 -0.38 18.38 -4.69
C GLY B 120 -1.73 17.77 -4.95
N LYS B 121 -1.91 17.12 -6.10
CA LYS B 121 -3.21 16.60 -6.48
C LYS B 121 -3.19 15.08 -6.48
N PRO B 122 -4.31 14.45 -6.10
CA PRO B 122 -4.33 12.99 -6.05
C PRO B 122 -4.14 12.37 -7.43
N LYS B 123 -3.25 11.38 -7.49
CA LYS B 123 -2.94 10.62 -8.69
C LYS B 123 -3.28 9.16 -8.37
N MET B 124 -4.40 8.70 -8.92
CA MET B 124 -4.97 7.40 -8.59
C MET B 124 -4.66 6.37 -9.67
N PHE B 125 -4.13 5.23 -9.27
CA PHE B 125 -3.85 4.14 -10.19
C PHE B 125 -4.62 2.90 -9.76
N PHE B 126 -5.35 2.29 -10.69
CA PHE B 126 -6.12 1.10 -10.43
C PHE B 126 -5.62 -0.02 -11.32
N PHE B 127 -5.33 -1.18 -10.73
CA PHE B 127 -4.76 -2.30 -11.47
C PHE B 127 -5.63 -3.54 -11.31
N GLN B 128 -6.07 -4.11 -12.43
CA GLN B 128 -6.58 -5.49 -12.47
C GLN B 128 -5.61 -6.28 -13.33
N ALA B 129 -4.78 -7.08 -12.67
CA ALA B 129 -3.69 -7.83 -13.29
C ALA B 129 -3.13 -8.78 -12.24
N CYS B 130 -2.61 -9.90 -12.70
CA CYS B 130 -1.89 -10.77 -11.78
C CYS B 130 -0.63 -10.08 -11.27
N GLN B 131 -0.25 -10.44 -10.04
CA GLN B 131 0.97 -9.91 -9.44
C GLN B 131 1.95 -11.03 -9.12
N GLY B 132 1.85 -12.14 -9.84
CA GLY B 132 2.59 -13.34 -9.51
C GLY B 132 1.80 -14.54 -9.95
N HIS B 133 2.25 -15.71 -9.51
CA HIS B 133 1.67 -16.96 -9.99
C HIS B 133 1.38 -17.92 -8.86
N GLU B 134 1.08 -17.41 -7.67
CA GLU B 134 0.64 -18.21 -6.54
C GLU B 134 -0.86 -18.07 -6.31
N TYR B 135 -1.49 -19.17 -5.91
CA TYR B 135 -2.86 -19.16 -5.43
C TYR B 135 -2.89 -18.87 -3.93
N MET B 136 -4.02 -18.31 -3.47
CA MET B 136 -4.32 -18.09 -2.07
CA MET B 136 -4.30 -18.10 -2.07
C MET B 136 -5.28 -19.16 -1.57
N ASP B 137 -4.95 -19.78 -0.45
CA ASP B 137 -5.72 -20.94 0.01
C ASP B 137 -6.84 -20.58 0.98
N GLY B 138 -7.82 -21.46 1.05
CA GLY B 138 -8.89 -21.36 2.04
C GLY B 138 -10.26 -21.10 1.44
N VAL B 139 6.65 25.53 1.62
CA VAL B 139 7.34 24.25 1.46
C VAL B 139 6.59 23.39 0.44
N SER B 140 7.30 23.00 -0.61
CA SER B 140 6.70 22.26 -1.72
C SER B 140 6.28 20.87 -1.28
N VAL B 141 5.32 20.32 -2.02
CA VAL B 141 4.91 18.92 -1.83
C VAL B 141 5.88 18.02 -2.57
N PRO B 142 6.44 17.00 -1.92
CA PRO B 142 7.39 16.11 -2.62
C PRO B 142 6.73 15.35 -3.77
N ALA B 143 7.57 14.95 -4.73
CA ALA B 143 7.04 14.46 -5.99
C ALA B 143 6.36 13.10 -5.85
N GLU B 144 6.78 12.28 -4.89
CA GLU B 144 6.14 10.98 -4.70
C GLU B 144 4.87 11.05 -3.88
N ALA B 145 4.52 12.21 -3.34
CA ALA B 145 3.32 12.30 -2.52
C ALA B 145 2.06 12.33 -3.38
N ASP B 146 0.94 11.97 -2.76
CA ASP B 146 -0.42 12.06 -3.29
C ASP B 146 -0.72 11.03 -4.36
N PHE B 147 0.09 9.99 -4.49
CA PHE B 147 -0.28 8.82 -5.25
C PHE B 147 -1.06 7.86 -4.37
N VAL B 148 -2.00 7.13 -4.98
CA VAL B 148 -2.58 5.96 -4.35
C VAL B 148 -2.71 4.88 -5.42
N TYR B 149 -2.28 3.66 -5.10
CA TYR B 149 -2.22 2.56 -6.05
C TYR B 149 -3.13 1.47 -5.51
N ALA B 150 -4.25 1.25 -6.19
CA ALA B 150 -5.25 0.25 -5.78
C ALA B 150 -5.03 -1.01 -6.61
N TYR B 151 -4.49 -2.04 -5.98
CA TYR B 151 -4.14 -3.30 -6.64
C TYR B 151 -5.21 -4.34 -6.38
N SER B 152 -5.47 -5.17 -7.39
CA SER B 152 -6.52 -6.18 -7.23
C SER B 152 -6.11 -7.32 -6.30
N THR B 153 -4.82 -7.59 -6.14
CA THR B 153 -4.40 -8.75 -5.36
C THR B 153 -3.17 -8.35 -4.54
N VAL B 154 -2.43 -9.34 -4.07
CA VAL B 154 -1.28 -9.15 -3.18
C VAL B 154 0.00 -9.49 -3.96
N PRO B 155 1.12 -8.81 -3.73
CA PRO B 155 2.34 -9.15 -4.47
C PRO B 155 2.68 -10.63 -4.37
N GLY B 156 2.94 -11.25 -5.51
CA GLY B 156 3.26 -12.65 -5.60
C GLY B 156 2.11 -13.55 -6.01
N TYR B 157 0.90 -13.02 -6.15
CA TYR B 157 -0.29 -13.85 -6.31
C TYR B 157 -1.01 -13.56 -7.62
N TYR B 158 -1.64 -14.61 -8.15
CA TYR B 158 -2.66 -14.45 -9.17
C TYR B 158 -3.77 -13.51 -8.72
N SER B 159 -4.50 -12.97 -9.71
CA SER B 159 -5.73 -12.24 -9.51
C SER B 159 -6.82 -12.88 -10.36
N TRP B 160 -8.06 -12.88 -9.87
CA TRP B 160 -9.13 -13.65 -10.48
C TRP B 160 -10.11 -12.79 -11.28
N ARG B 161 -10.51 -13.32 -12.45
CA ARG B 161 -11.47 -12.71 -13.36
C ARG B 161 -12.48 -13.76 -13.75
N ASN B 162 -13.76 -13.38 -13.80
CA ASN B 162 -14.82 -14.27 -14.26
C ASN B 162 -15.23 -13.88 -15.67
N SER B 163 -15.36 -14.89 -16.55
CA SER B 163 -15.60 -14.60 -17.97
C SER B 163 -16.97 -13.98 -18.22
N VAL B 164 -17.93 -14.22 -17.34
CA VAL B 164 -19.28 -13.68 -17.50
C VAL B 164 -19.43 -12.36 -16.77
N ASN B 165 -18.91 -12.26 -15.54
CA ASN B 165 -19.25 -11.17 -14.64
C ASN B 165 -18.13 -10.15 -14.48
N GLY B 166 -16.96 -10.38 -15.05
CA GLY B 166 -15.83 -9.49 -14.85
C GLY B 166 -15.00 -9.91 -13.66
N SER B 167 -14.00 -9.10 -13.33
CA SER B 167 -13.08 -9.47 -12.25
C SER B 167 -13.68 -9.23 -10.87
N TRP B 168 -13.21 -10.02 -9.90
CA TRP B 168 -13.64 -9.85 -8.51
C TRP B 168 -13.36 -8.43 -8.03
N PHE B 169 -12.15 -7.94 -8.31
CA PHE B 169 -11.75 -6.63 -7.81
C PHE B 169 -12.55 -5.50 -8.45
N ILE B 170 -12.62 -5.47 -9.79
CA ILE B 170 -13.25 -4.32 -10.44
C ILE B 170 -14.76 -4.33 -10.17
N GLN B 171 -15.37 -5.51 -10.14
CA GLN B 171 -16.81 -5.51 -9.87
C GLN B 171 -17.09 -5.11 -8.42
N SER B 172 -16.23 -5.53 -7.49
CA SER B 172 -16.38 -5.07 -6.11
C SER B 172 -16.10 -3.58 -6.00
N LEU B 173 -15.08 -3.09 -6.70
CA LEU B 173 -14.74 -1.68 -6.64
C LEU B 173 -15.88 -0.82 -7.15
N THR B 174 -16.44 -1.16 -8.31
CA THR B 174 -17.50 -0.33 -8.86
C THR B 174 -18.76 -0.40 -8.00
N LYS B 175 -19.05 -1.56 -7.39
CA LYS B 175 -20.19 -1.67 -6.49
C LYS B 175 -20.02 -0.80 -5.25
N VAL B 176 -18.86 -0.91 -4.58
CA VAL B 176 -18.62 -0.16 -3.35
C VAL B 176 -18.59 1.35 -3.63
N PHE B 177 -17.92 1.76 -4.72
CA PHE B 177 -17.82 3.18 -5.02
C PHE B 177 -19.18 3.76 -5.40
N GLU B 178 -19.97 3.01 -6.18
CA GLU B 178 -21.33 3.47 -6.48
C GLU B 178 -22.13 3.67 -5.20
N GLU B 179 -22.02 2.73 -4.27
CA GLU B 179 -22.81 2.80 -3.04
C GLU B 179 -22.33 3.89 -2.11
N ASN B 180 -21.03 4.22 -2.10
CA ASN B 180 -20.45 4.99 -0.99
C ASN B 180 -19.76 6.29 -1.39
N ALA B 181 -19.49 6.54 -2.67
CA ALA B 181 -18.61 7.66 -3.01
C ALA B 181 -19.17 9.02 -2.63
N GLU B 182 -20.49 9.15 -2.43
CA GLU B 182 -21.01 10.46 -2.08
C GLU B 182 -20.52 10.93 -0.72
N ARG B 183 -20.18 10.01 0.19
CA ARG B 183 -19.78 10.44 1.52
C ARG B 183 -18.60 9.69 2.14
N MET B 184 -17.94 8.77 1.44
CA MET B 184 -16.87 7.96 2.02
C MET B 184 -15.56 8.21 1.29
N ASP B 185 -14.47 8.38 2.05
CA ASP B 185 -13.18 8.66 1.42
C ASP B 185 -12.61 7.39 0.78
N ILE B 186 -11.62 7.58 -0.09
CA ILE B 186 -11.23 6.48 -0.99
C ILE B 186 -10.58 5.34 -0.21
N LEU B 187 -9.81 5.63 0.85
CA LEU B 187 -9.17 4.53 1.57
C LEU B 187 -10.20 3.69 2.31
N ARG B 188 -11.22 4.33 2.90
CA ARG B 188 -12.30 3.57 3.51
C ARG B 188 -13.05 2.74 2.48
N MET B 189 -13.29 3.30 1.29
CA MET B 189 -13.94 2.52 0.25
C MET B 189 -13.08 1.34 -0.18
N LEU B 190 -11.77 1.55 -0.34
CA LEU B 190 -10.94 0.43 -0.76
C LEU B 190 -10.83 -0.64 0.33
N THR B 191 -10.94 -0.25 1.60
CA THR B 191 -11.04 -1.25 2.67
C THR B 191 -12.28 -2.12 2.50
N ARG B 192 -13.41 -1.50 2.16
CA ARG B 192 -14.63 -2.26 1.92
C ARG B 192 -14.53 -3.12 0.67
N VAL B 193 -13.80 -2.66 -0.36
CA VAL B 193 -13.54 -3.50 -1.52
C VAL B 193 -12.77 -4.75 -1.11
N ASN B 194 -11.75 -4.58 -0.26
CA ASN B 194 -10.99 -5.74 0.15
C ASN B 194 -11.84 -6.71 0.99
N ALA B 195 -12.69 -6.18 1.87
CA ALA B 195 -13.61 -7.04 2.61
C ALA B 195 -14.45 -7.87 1.66
N MET B 196 -14.92 -7.27 0.57
CA MET B 196 -15.75 -7.98 -0.40
C MET B 196 -14.93 -9.00 -1.18
N VAL B 197 -13.76 -8.59 -1.70
CA VAL B 197 -12.91 -9.50 -2.46
C VAL B 197 -12.54 -10.72 -1.62
N SER B 198 -12.33 -10.51 -0.32
CA SER B 198 -11.89 -11.55 0.62
C SER B 198 -12.97 -12.57 0.93
N THR B 199 -14.15 -12.47 0.32
CA THR B 199 -15.18 -13.50 0.47
C THR B 199 -15.31 -14.39 -0.75
N TYR B 200 -14.75 -14.00 -1.90
CA TYR B 200 -14.88 -14.81 -3.11
C TYR B 200 -14.09 -16.11 -3.00
N LYS B 201 -14.59 -17.14 -3.67
CA LYS B 201 -13.85 -18.38 -3.84
C LYS B 201 -13.97 -18.82 -5.30
N SER B 202 -12.85 -19.23 -5.89
CA SER B 202 -12.88 -19.60 -7.30
C SER B 202 -13.62 -20.91 -7.49
N ARG B 203 -14.25 -21.04 -8.66
CA ARG B 203 -14.94 -22.26 -9.08
C ARG B 203 -14.46 -22.57 -10.49
N THR B 204 -13.54 -23.53 -10.61
CA THR B 204 -12.88 -23.84 -11.87
C THR B 204 -13.06 -25.28 -12.33
N GLY B 205 -13.52 -26.16 -11.46
CA GLY B 205 -13.55 -27.58 -11.81
C GLY B 205 -12.19 -28.23 -11.91
N ASP B 206 -11.13 -27.56 -11.47
CA ASP B 206 -9.77 -28.09 -11.52
C ASP B 206 -9.20 -28.02 -10.12
N TYR B 207 -8.86 -29.17 -9.54
CA TYR B 207 -8.45 -29.21 -8.14
C TYR B 207 -7.32 -28.24 -7.83
N TYR B 208 -6.40 -28.03 -8.77
CA TYR B 208 -5.24 -27.19 -8.48
C TYR B 208 -5.59 -25.72 -8.41
N SER B 209 -6.68 -25.30 -9.05
CA SER B 209 -7.04 -23.88 -9.10
C SER B 209 -8.38 -23.58 -8.43
N ASP B 210 -9.03 -24.58 -7.84
CA ASP B 210 -10.39 -24.46 -7.34
C ASP B 210 -10.42 -24.05 -5.86
N SER B 211 -11.49 -23.32 -5.49
CA SER B 211 -11.72 -22.87 -4.13
C SER B 211 -10.61 -21.96 -3.61
N LYS B 212 -9.94 -21.24 -4.52
CA LYS B 212 -8.87 -20.33 -4.15
C LYS B 212 -9.43 -18.93 -3.88
N ARG B 213 -8.64 -18.14 -3.16
CA ARG B 213 -9.10 -16.89 -2.56
C ARG B 213 -8.31 -15.70 -3.08
N GLN B 214 -8.68 -14.51 -2.59
CA GLN B 214 -8.01 -13.29 -3.01
C GLN B 214 -8.21 -12.22 -1.95
N VAL B 215 -7.21 -11.34 -1.84
CA VAL B 215 -7.17 -10.18 -0.97
C VAL B 215 -6.64 -9.04 -1.83
N SER B 216 -7.34 -7.90 -1.86
CA SER B 216 -6.79 -6.78 -2.62
C SER B 216 -5.93 -5.93 -1.68
N SER B 217 -5.16 -5.02 -2.26
CA SER B 217 -4.23 -4.25 -1.45
C SER B 217 -4.14 -2.84 -1.98
N VAL B 218 -3.97 -1.88 -1.09
CA VAL B 218 -3.82 -0.49 -1.49
CA VAL B 218 -3.83 -0.48 -1.47
C VAL B 218 -2.47 0.01 -0.99
N VAL B 219 -1.75 0.71 -1.85
CA VAL B 219 -0.49 1.37 -1.48
C VAL B 219 -0.78 2.86 -1.50
N SER B 220 -0.71 3.52 -0.35
CA SER B 220 -1.14 4.90 -0.27
C SER B 220 0.02 5.81 0.11
N MET B 221 0.27 6.81 -0.73
CA MET B 221 1.08 7.96 -0.38
C MET B 221 0.24 9.22 -0.23
N LEU B 222 -1.06 9.06 0.04
CA LEU B 222 -1.93 10.21 0.26
C LEU B 222 -1.59 10.93 1.56
N ARG B 223 -1.74 12.25 1.53
CA ARG B 223 -1.52 13.12 2.68
C ARG B 223 -2.81 13.69 3.25
N LYS B 224 -3.94 13.46 2.58
CA LYS B 224 -5.24 13.95 2.98
C LYS B 224 -6.25 12.85 2.67
N GLU B 225 -7.45 12.99 3.22
CA GLU B 225 -8.57 12.15 2.78
C GLU B 225 -9.02 12.56 1.39
N LEU B 226 -9.35 11.57 0.57
CA LEU B 226 -9.83 11.82 -0.77
C LEU B 226 -11.32 11.52 -0.79
N TYR B 227 -12.12 12.57 -0.75
CA TYR B 227 -13.56 12.50 -0.93
C TYR B 227 -13.88 12.97 -2.35
N PHE B 228 -14.62 12.14 -3.11
CA PHE B 228 -14.97 12.55 -4.46
C PHE B 228 -16.03 13.64 -4.48
N PHE B 229 -16.77 13.82 -3.39
CA PHE B 229 -17.81 14.84 -3.28
C PHE B 229 -17.70 15.47 -1.90
N PRO B 230 -16.67 16.30 -1.68
CA PRO B 230 -16.42 16.83 -0.33
C PRO B 230 -17.53 17.73 0.17
N GLU B 231 -18.38 18.24 -0.72
CA GLU B 231 -19.49 19.08 -0.28
C GLU B 231 -20.45 18.34 0.64
N ASN B 232 -20.39 17.01 0.70
CA ASN B 232 -21.28 16.22 1.52
C ASN B 232 -20.73 15.86 2.88
N VAL B 233 -19.50 16.28 3.20
CA VAL B 233 -18.89 15.87 4.46
C VAL B 233 -18.47 17.08 5.29
N LYS C 1 -27.49 -1.85 -16.32
CA LYS C 1 -28.15 -1.20 -15.19
C LYS C 1 -27.67 0.24 -15.03
N LEU C 2 -28.61 1.15 -14.75
CA LEU C 2 -28.32 2.56 -14.64
C LEU C 2 -27.37 2.81 -13.47
N PHE C 3 -26.32 3.61 -13.71
CA PHE C 3 -25.44 3.99 -12.62
C PHE C 3 -26.16 4.99 -11.72
N SER C 4 -26.13 4.73 -10.42
CA SER C 4 -26.91 5.56 -9.49
C SER C 4 -26.23 5.54 -8.14
N PHE C 5 -25.64 6.67 -7.75
CA PHE C 5 -24.96 6.75 -6.46
C PHE C 5 -25.92 6.43 -5.31
N GLY C 6 -25.43 5.66 -4.35
CA GLY C 6 -26.24 5.18 -3.26
C GLY C 6 -26.13 6.03 -2.01
N GLY C 7 -26.87 5.59 -0.98
CA GLY C 7 -26.89 6.29 0.30
C GLY C 7 -26.71 5.34 1.47
C ACE D 1 21.46 14.47 11.75
O ACE D 1 21.41 13.27 11.99
CH3 ACE D 1 22.17 15.43 12.67
N ASP D 2 20.90 15.03 10.69
CA ASP D 2 20.16 14.22 9.70
C ASP D 2 21.09 13.27 8.95
N GLU D 3 20.69 12.00 8.90
CA GLU D 3 21.47 10.93 8.31
C GLU D 3 20.49 9.96 7.65
N VAL D 4 20.93 9.29 6.60
CA VAL D 4 20.04 8.35 5.90
C VAL D 4 20.21 6.95 6.48
N ASP D 5 19.14 6.16 6.40
CA ASP D 5 19.20 4.82 6.97
C ASP D 5 19.71 3.73 6.00
C ACE E 1 -14.63 -18.23 -15.10
O ACE E 1 -14.00 -17.37 -15.70
CH3 ACE E 1 -15.84 -18.92 -15.70
N ASP E 2 -14.31 -18.65 -13.89
CA ASP E 2 -13.16 -18.07 -13.18
C ASP E 2 -11.83 -18.44 -13.84
N GLU E 3 -11.00 -17.41 -14.08
CA GLU E 3 -9.73 -17.53 -14.78
C GLU E 3 -8.74 -16.55 -14.15
N VAL E 4 -7.44 -16.92 -14.14
CA VAL E 4 -6.45 -16.03 -13.53
C VAL E 4 -5.89 -15.06 -14.57
N ASP E 5 -5.50 -13.87 -14.12
CA ASP E 5 -5.02 -12.87 -15.06
C ASP E 5 -3.50 -12.97 -15.37
#